data_8ZFW
#
_entry.id   8ZFW
#
_cell.length_a   80.501
_cell.length_b   116.587
_cell.length_c   50.297
_cell.angle_alpha   90.000
_cell.angle_beta   90.000
_cell.angle_gamma   90.000
#
_symmetry.space_group_name_H-M   'P 21 21 2'
#
loop_
_entity.id
_entity.type
_entity.pdbx_description
1 polymer "Norbelladine 4'-O-methyltransferase"
2 non-polymer GLYCEROL
3 non-polymer 'MAGNESIUM ION'
4 non-polymer S-ADENOSYL-L-HOMOCYSTEINE
5 non-polymer Norbelladine
6 water water
#
_entity_poly.entity_id   1
_entity_poly.type   'polypeptide(L)'
_entity_poly.pdbx_seq_one_letter_code
;MGASIDDYSLVHKNILHSEDLLKYILETSAYPREHEQLKGLREVTEKHEWSTALVPADEGLFLSMLLKLMNAKRTIEIGV
YTGYSLLTTALALPEDGKITAIDVNKSYYEIGLPFIQKAGVEHKINFIESEALPVLDQMLEEMKEEDLYDYAFVDADKSN
YANYHERLVKLVRIGGAILYDNTLWFGSVAYPEYPGLHPEEEVARLSFRNLNTFLAADPRVEISQVSIGDGVTICRRLY
;
_entity_poly.pdbx_strand_id   A,B
#
loop_
_chem_comp.id
_chem_comp.type
_chem_comp.name
_chem_comp.formula
A1LU2 non-polymer Norbelladine 'C15 H17 N O3'
GOL non-polymer GLYCEROL 'C3 H8 O3'
MG non-polymer 'MAGNESIUM ION' 'Mg 2'
#
# COMPACT_ATOMS: atom_id res chain seq x y z
N ASP A 6 16.84 -20.02 18.44
CA ASP A 6 16.77 -18.66 17.90
C ASP A 6 17.57 -17.69 18.77
N ASP A 7 18.31 -16.78 18.12
CA ASP A 7 19.07 -15.76 18.81
C ASP A 7 18.38 -14.40 18.81
N TYR A 8 17.65 -14.07 17.74
CA TYR A 8 16.97 -12.80 17.66
C TYR A 8 15.79 -12.74 18.63
N SER A 9 15.37 -11.52 18.93
CA SER A 9 14.33 -11.28 19.92
C SER A 9 13.00 -10.86 19.32
N LEU A 10 12.99 -10.24 18.14
CA LEU A 10 11.79 -9.61 17.61
C LEU A 10 10.98 -10.50 16.68
N VAL A 11 11.46 -11.70 16.35
CA VAL A 11 10.95 -12.44 15.19
C VAL A 11 9.45 -12.67 15.26
N HIS A 12 8.88 -12.78 16.45
CA HIS A 12 7.46 -13.13 16.58
C HIS A 12 6.55 -11.94 16.80
N LYS A 13 7.10 -10.73 16.88
CA LYS A 13 6.29 -9.55 17.16
C LYS A 13 5.54 -9.09 15.90
N ASN A 14 4.26 -8.77 16.07
CA ASN A 14 3.41 -8.25 15.01
C ASN A 14 3.27 -6.74 15.11
N ILE A 15 3.07 -6.09 13.96
CA ILE A 15 2.74 -4.67 14.00
C ILE A 15 1.23 -4.42 13.94
N LEU A 16 0.43 -5.45 13.70
CA LEU A 16 -1.02 -5.33 13.86
C LEU A 16 -1.39 -5.68 15.31
N HIS A 17 -2.61 -5.28 15.72
CA HIS A 17 -2.94 -5.35 17.14
C HIS A 17 -3.21 -6.77 17.63
N SER A 18 -3.42 -7.73 16.73
CA SER A 18 -3.59 -9.12 17.16
C SER A 18 -3.20 -10.06 16.04
N GLU A 19 -2.83 -11.28 16.43
CA GLU A 19 -2.60 -12.35 15.47
C GLU A 19 -3.89 -12.65 14.70
N ASP A 20 -5.03 -12.54 15.38
CA ASP A 20 -6.33 -12.82 14.74
C ASP A 20 -6.58 -11.91 13.55
N LEU A 21 -6.20 -10.64 13.66
CA LEU A 21 -6.39 -9.73 12.53
C LEU A 21 -5.47 -10.12 11.36
N LEU A 22 -4.21 -10.41 11.66
CA LEU A 22 -3.29 -10.83 10.60
C LEU A 22 -3.79 -12.10 9.93
N LYS A 23 -4.24 -13.08 10.72
CA LYS A 23 -4.70 -14.34 10.15
C LYS A 23 -5.97 -14.14 9.33
N TYR A 24 -6.84 -13.22 9.75
CA TYR A 24 -8.01 -12.89 8.94
C TYR A 24 -7.59 -12.41 7.54
N ILE A 25 -6.65 -11.46 7.49
CA ILE A 25 -6.20 -10.91 6.22
C ILE A 25 -5.63 -12.01 5.33
N LEU A 26 -4.71 -12.81 5.88
CA LEU A 26 -4.07 -13.85 5.09
C LEU A 26 -5.09 -14.89 4.61
N GLU A 27 -5.99 -15.32 5.50
CA GLU A 27 -6.93 -16.38 5.15
C GLU A 27 -8.03 -15.89 4.22
N THR A 28 -8.43 -14.62 4.35
CA THR A 28 -9.52 -14.07 3.56
C THR A 28 -9.05 -13.52 2.21
N SER A 29 -7.93 -12.80 2.20
CA SER A 29 -7.53 -11.97 1.07
C SER A 29 -6.22 -12.37 0.40
N ALA A 30 -5.32 -13.09 1.09
CA ALA A 30 -4.01 -13.41 0.53
C ALA A 30 -3.94 -14.85 0.01
N TYR A 31 -4.10 -15.83 0.90
CA TYR A 31 -4.02 -17.24 0.51
C TYR A 31 -4.91 -17.60 -0.68
N PRO A 32 -6.19 -17.20 -0.73
CA PRO A 32 -7.00 -17.52 -1.93
C PRO A 32 -6.47 -16.90 -3.22
N ARG A 33 -5.62 -15.88 -3.14
CA ARG A 33 -5.09 -15.22 -4.32
C ARG A 33 -3.63 -15.57 -4.59
N GLU A 34 -3.05 -16.45 -3.79
CA GLU A 34 -1.64 -16.78 -3.88
C GLU A 34 -1.43 -17.87 -4.92
N HIS A 35 -0.56 -17.60 -5.89
CA HIS A 35 -0.21 -18.59 -6.91
C HIS A 35 0.20 -19.90 -6.24
N GLU A 36 -0.15 -21.01 -6.89
CA GLU A 36 0.17 -22.33 -6.34
C GLU A 36 1.66 -22.48 -6.06
N GLN A 37 2.51 -21.97 -6.95
CA GLN A 37 3.95 -22.10 -6.75
C GLN A 37 4.45 -21.18 -5.65
N LEU A 38 3.77 -20.06 -5.41
CA LEU A 38 4.10 -19.23 -4.25
C LEU A 38 3.73 -19.95 -2.95
N LYS A 39 2.60 -20.64 -2.94
CA LYS A 39 2.21 -21.41 -1.76
C LYS A 39 3.24 -22.49 -1.44
N GLY A 40 3.64 -23.27 -2.46
CA GLY A 40 4.63 -24.30 -2.22
C GLY A 40 5.96 -23.73 -1.74
N LEU A 41 6.41 -22.64 -2.35
CA LEU A 41 7.65 -22.01 -1.91
C LEU A 41 7.53 -21.52 -0.47
N ARG A 42 6.40 -20.93 -0.10
CA ARG A 42 6.25 -20.44 1.27
C ARG A 42 6.26 -21.58 2.27
N GLU A 43 5.61 -22.71 1.93
CA GLU A 43 5.52 -23.80 2.88
C GLU A 43 6.88 -24.43 3.17
N VAL A 44 7.71 -24.61 2.14
N VAL A 44 7.68 -24.65 2.13
CA VAL A 44 9.04 -25.17 2.38
CA VAL A 44 9.04 -25.15 2.34
C VAL A 44 9.94 -24.16 3.09
C VAL A 44 9.83 -24.15 3.18
N THR A 45 9.71 -22.86 2.87
CA THR A 45 10.54 -21.85 3.54
C THR A 45 10.16 -21.71 5.01
N GLU A 46 8.87 -21.83 5.33
N GLU A 46 8.88 -21.83 5.35
CA GLU A 46 8.41 -21.78 6.71
CA GLU A 46 8.49 -21.72 6.75
C GLU A 46 9.10 -22.82 7.59
C GLU A 46 9.13 -22.81 7.61
N LYS A 47 9.60 -23.89 7.00
CA LYS A 47 10.35 -24.91 7.73
C LYS A 47 11.83 -24.58 7.86
N HIS A 48 12.32 -23.57 7.14
CA HIS A 48 13.72 -23.19 7.17
C HIS A 48 14.02 -22.39 8.45
N GLU A 49 15.30 -22.42 8.84
CA GLU A 49 15.71 -21.77 10.08
C GLU A 49 15.55 -20.25 10.02
N TRP A 50 15.72 -19.66 8.83
CA TRP A 50 15.62 -18.22 8.66
C TRP A 50 14.25 -17.78 8.14
N SER A 51 13.22 -18.59 8.36
CA SER A 51 11.87 -18.28 7.87
C SER A 51 11.36 -16.92 8.36
N THR A 52 11.98 -16.35 9.41
CA THR A 52 11.56 -15.05 9.91
C THR A 52 11.66 -13.97 8.84
N ALA A 53 12.66 -14.06 7.96
CA ALA A 53 12.91 -13.02 6.98
C ALA A 53 11.99 -13.12 5.77
N LEU A 54 11.17 -14.17 5.71
CA LEU A 54 10.31 -14.41 4.55
C LEU A 54 9.29 -13.28 4.39
N VAL A 55 9.17 -12.78 3.17
CA VAL A 55 8.13 -11.77 2.87
C VAL A 55 6.76 -12.42 3.03
N PRO A 56 5.86 -11.83 3.81
CA PRO A 56 4.55 -12.45 4.04
C PRO A 56 3.61 -12.31 2.85
N ALA A 57 2.58 -13.17 2.85
CA ALA A 57 1.73 -13.34 1.67
C ALA A 57 0.93 -12.09 1.36
N ASP A 58 0.47 -11.37 2.39
CA ASP A 58 -0.31 -10.17 2.10
C ASP A 58 0.57 -9.08 1.50
N GLU A 59 1.79 -8.92 2.04
CA GLU A 59 2.73 -7.98 1.44
C GLU A 59 3.07 -8.38 0.01
N GLY A 60 3.17 -9.69 -0.26
CA GLY A 60 3.47 -10.14 -1.60
C GLY A 60 2.46 -9.65 -2.63
N LEU A 61 1.17 -9.80 -2.31
CA LEU A 61 0.12 -9.30 -3.21
C LEU A 61 0.20 -7.79 -3.37
N PHE A 62 0.61 -7.08 -2.34
CA PHE A 62 0.79 -5.63 -2.44
C PHE A 62 1.91 -5.29 -3.43
N LEU A 63 3.05 -5.98 -3.31
CA LEU A 63 4.14 -5.77 -4.25
C LEU A 63 3.70 -6.08 -5.68
N SER A 64 2.98 -7.18 -5.86
CA SER A 64 2.50 -7.55 -7.19
C SER A 64 1.53 -6.51 -7.74
N MET A 65 0.65 -5.98 -6.89
CA MET A 65 -0.30 -4.95 -7.34
C MET A 65 0.43 -3.69 -7.78
N LEU A 66 1.47 -3.27 -7.05
CA LEU A 66 2.22 -2.08 -7.41
C LEU A 66 2.89 -2.25 -8.77
N LEU A 67 3.53 -3.41 -8.98
CA LEU A 67 4.18 -3.68 -10.26
C LEU A 67 3.21 -3.54 -11.41
N LYS A 68 2.01 -4.14 -11.29
CA LYS A 68 1.08 -4.14 -12.41
C LYS A 68 0.51 -2.75 -12.66
N LEU A 69 0.16 -2.03 -11.59
CA LEU A 69 -0.44 -0.71 -11.76
C LEU A 69 0.54 0.28 -12.41
N MET A 70 1.84 0.09 -12.19
CA MET A 70 2.83 0.95 -12.81
C MET A 70 3.39 0.35 -14.09
N ASN A 71 2.89 -0.82 -14.51
CA ASN A 71 3.32 -1.48 -15.74
C ASN A 71 4.85 -1.59 -15.81
N ALA A 72 5.42 -2.07 -14.71
CA ALA A 72 6.87 -2.30 -14.66
C ALA A 72 7.26 -3.41 -15.65
N LYS A 73 8.42 -3.24 -16.27
CA LYS A 73 8.96 -4.24 -17.18
C LYS A 73 10.33 -4.74 -16.79
N ARG A 74 11.18 -3.89 -16.22
CA ARG A 74 12.51 -4.28 -15.81
C ARG A 74 12.70 -3.90 -14.35
N THR A 75 13.10 -4.88 -13.54
CA THR A 75 13.21 -4.67 -12.11
C THR A 75 14.54 -5.19 -11.60
N ILE A 76 14.89 -4.77 -10.39
CA ILE A 76 16.03 -5.29 -9.66
C ILE A 76 15.56 -5.69 -8.27
N GLU A 77 16.08 -6.80 -7.77
CA GLU A 77 15.69 -7.38 -6.49
C GLU A 77 16.95 -7.65 -5.70
N ILE A 78 17.08 -7.02 -4.54
CA ILE A 78 18.26 -7.11 -3.70
C ILE A 78 17.87 -7.82 -2.41
N GLY A 79 18.37 -9.05 -2.23
CA GLY A 79 17.93 -9.87 -1.12
C GLY A 79 16.85 -10.85 -1.56
N VAL A 80 17.27 -12.03 -1.98
CA VAL A 80 16.39 -13.00 -2.60
C VAL A 80 15.89 -14.04 -1.60
N TYR A 81 16.80 -14.60 -0.82
CA TYR A 81 16.49 -15.67 0.14
C TYR A 81 15.94 -16.84 -0.69
N THR A 82 14.79 -17.41 -0.33
CA THR A 82 14.26 -18.53 -1.09
C THR A 82 13.49 -18.09 -2.33
N GLY A 83 13.20 -16.80 -2.48
CA GLY A 83 12.65 -16.27 -3.71
C GLY A 83 11.18 -15.94 -3.71
N TYR A 84 10.55 -15.76 -2.55
CA TYR A 84 9.11 -15.52 -2.53
C TYR A 84 8.76 -14.20 -3.22
N SER A 85 9.45 -13.10 -2.85
CA SER A 85 9.18 -11.83 -3.51
C SER A 85 9.68 -11.85 -4.95
N LEU A 86 10.76 -12.58 -5.21
CA LEU A 86 11.27 -12.71 -6.57
C LEU A 86 10.27 -13.41 -7.46
N LEU A 87 9.74 -14.55 -7.01
CA LEU A 87 8.67 -15.22 -7.75
C LEU A 87 7.46 -14.32 -7.91
N THR A 88 7.07 -13.61 -6.84
CA THR A 88 5.98 -12.65 -6.92
C THR A 88 6.22 -11.64 -8.04
N THR A 89 7.43 -11.08 -8.10
CA THR A 89 7.75 -10.09 -9.14
C THR A 89 7.71 -10.72 -10.53
N ALA A 90 8.28 -11.91 -10.67
CA ALA A 90 8.31 -12.57 -11.98
C ALA A 90 6.92 -12.92 -12.46
N LEU A 91 6.01 -13.29 -11.55
CA LEU A 91 4.65 -13.62 -11.98
C LEU A 91 3.87 -12.37 -12.38
N ALA A 92 4.19 -11.22 -11.80
CA ALA A 92 3.48 -9.99 -12.14
C ALA A 92 3.93 -9.41 -13.48
N LEU A 93 5.21 -9.53 -13.82
CA LEU A 93 5.72 -8.91 -15.03
C LEU A 93 5.11 -9.55 -16.28
N PRO A 94 5.14 -8.84 -17.40
CA PRO A 94 4.73 -9.46 -18.67
C PRO A 94 5.69 -10.58 -19.07
N GLU A 95 5.33 -11.27 -20.14
CA GLU A 95 6.12 -12.41 -20.61
C GLU A 95 7.56 -12.02 -20.92
N ASP A 96 7.78 -10.80 -21.41
CA ASP A 96 9.11 -10.35 -21.78
C ASP A 96 9.73 -9.43 -20.73
N GLY A 97 9.20 -9.45 -19.50
CA GLY A 97 9.84 -8.74 -18.42
C GLY A 97 11.17 -9.36 -18.04
N LYS A 98 11.98 -8.58 -17.33
CA LYS A 98 13.33 -8.98 -16.95
C LYS A 98 13.61 -8.51 -15.53
N ILE A 99 14.31 -9.34 -14.75
CA ILE A 99 14.65 -9.08 -13.36
C ILE A 99 16.13 -9.37 -13.16
N THR A 100 16.82 -8.46 -12.46
CA THR A 100 18.15 -8.74 -11.94
C THR A 100 18.00 -9.01 -10.45
N ALA A 101 18.31 -10.24 -10.03
CA ALA A 101 18.21 -10.66 -8.64
C ALA A 101 19.61 -10.85 -8.07
N ILE A 102 19.85 -10.28 -6.89
CA ILE A 102 21.18 -10.26 -6.28
C ILE A 102 21.07 -10.76 -4.84
N ASP A 103 21.90 -11.75 -4.50
CA ASP A 103 21.97 -12.27 -3.15
C ASP A 103 23.35 -12.88 -2.96
N VAL A 104 23.82 -12.85 -1.70
CA VAL A 104 25.12 -13.44 -1.41
C VAL A 104 25.07 -14.96 -1.30
N ASN A 105 23.88 -15.54 -1.13
CA ASN A 105 23.74 -16.96 -0.81
C ASN A 105 22.84 -17.62 -1.84
N LYS A 106 23.46 -18.21 -2.86
CA LYS A 106 22.68 -18.88 -3.91
C LYS A 106 22.00 -20.14 -3.40
N SER A 107 22.50 -20.75 -2.32
CA SER A 107 21.88 -21.98 -1.82
C SER A 107 20.47 -21.73 -1.30
N TYR A 108 20.21 -20.55 -0.73
CA TYR A 108 18.84 -20.18 -0.41
C TYR A 108 17.98 -20.16 -1.67
N TYR A 109 18.48 -19.52 -2.72
CA TYR A 109 17.75 -19.40 -3.97
C TYR A 109 17.44 -20.76 -4.57
N GLU A 110 18.36 -21.73 -4.40
CA GLU A 110 18.12 -23.08 -4.89
C GLU A 110 16.93 -23.76 -4.21
N ILE A 111 16.56 -23.32 -3.00
CA ILE A 111 15.42 -23.93 -2.33
C ILE A 111 14.12 -23.60 -3.05
N GLY A 112 13.96 -22.36 -3.49
CA GLY A 112 12.74 -21.93 -4.15
C GLY A 112 12.78 -22.07 -5.66
N LEU A 113 13.97 -22.23 -6.23
CA LEU A 113 14.11 -22.32 -7.68
C LEU A 113 13.20 -23.37 -8.33
N PRO A 114 13.01 -24.57 -7.79
CA PRO A 114 12.08 -25.50 -8.44
C PRO A 114 10.67 -24.93 -8.62
N PHE A 115 10.17 -24.21 -7.61
CA PHE A 115 8.86 -23.59 -7.73
C PHE A 115 8.85 -22.51 -8.80
N ILE A 116 9.92 -21.71 -8.86
CA ILE A 116 10.05 -20.69 -9.89
C ILE A 116 10.04 -21.33 -11.29
N GLN A 117 10.73 -22.45 -11.44
CA GLN A 117 10.77 -23.11 -12.75
C GLN A 117 9.41 -23.65 -13.14
N LYS A 118 8.72 -24.30 -12.20
CA LYS A 118 7.41 -24.85 -12.51
C LYS A 118 6.37 -23.77 -12.77
N ALA A 119 6.58 -22.55 -12.25
CA ALA A 119 5.74 -21.44 -12.65
C ALA A 119 6.08 -20.93 -14.05
N GLY A 120 7.17 -21.42 -14.64
CA GLY A 120 7.50 -21.08 -16.01
C GLY A 120 8.00 -19.67 -16.22
N VAL A 121 8.62 -19.05 -15.21
CA VAL A 121 9.05 -17.67 -15.29
C VAL A 121 10.53 -17.51 -14.98
N GLU A 122 11.30 -18.61 -14.96
CA GLU A 122 12.72 -18.49 -14.64
C GLU A 122 13.49 -17.75 -15.72
N HIS A 123 13.02 -17.80 -16.96
CA HIS A 123 13.69 -17.11 -18.06
C HIS A 123 13.75 -15.60 -17.85
N LYS A 124 12.88 -15.05 -17.00
CA LYS A 124 12.87 -13.62 -16.73
C LYS A 124 13.95 -13.19 -15.74
N ILE A 125 14.61 -14.14 -15.09
CA ILE A 125 15.45 -13.87 -13.93
C ILE A 125 16.92 -14.01 -14.30
N ASN A 126 17.71 -13.01 -13.94
CA ASN A 126 19.16 -13.07 -14.00
C ASN A 126 19.66 -13.04 -12.56
N PHE A 127 20.06 -14.21 -12.04
CA PHE A 127 20.49 -14.31 -10.65
C PHE A 127 22.00 -14.08 -10.55
N ILE A 128 22.39 -13.17 -9.66
CA ILE A 128 23.79 -12.82 -9.47
C ILE A 128 24.14 -13.14 -8.02
N GLU A 129 25.01 -14.13 -7.82
CA GLU A 129 25.46 -14.53 -6.48
C GLU A 129 26.62 -13.64 -6.09
N SER A 130 26.34 -12.61 -5.30
CA SER A 130 27.37 -11.65 -4.87
C SER A 130 26.76 -10.71 -3.84
N GLU A 131 27.63 -9.92 -3.22
CA GLU A 131 27.19 -8.78 -2.43
C GLU A 131 26.64 -7.70 -3.36
N ALA A 132 25.62 -6.99 -2.88
CA ALA A 132 24.86 -6.10 -3.74
C ALA A 132 25.66 -4.86 -4.14
N LEU A 133 26.38 -4.25 -3.18
CA LEU A 133 27.07 -3.00 -3.48
C LEU A 133 28.07 -3.12 -4.63
N PRO A 134 28.93 -4.13 -4.69
CA PRO A 134 29.81 -4.25 -5.87
C PRO A 134 29.04 -4.37 -7.17
N VAL A 135 27.95 -5.14 -7.19
CA VAL A 135 27.17 -5.31 -8.40
C VAL A 135 26.51 -3.99 -8.79
N LEU A 136 25.94 -3.28 -7.81
CA LEU A 136 25.28 -2.01 -8.10
C LEU A 136 26.26 -0.99 -8.66
N ASP A 137 27.50 -0.95 -8.13
CA ASP A 137 28.49 -0.01 -8.63
C ASP A 137 28.88 -0.33 -10.06
N GLN A 138 29.03 -1.63 -10.38
CA GLN A 138 29.33 -1.98 -11.77
C GLN A 138 28.15 -1.69 -12.68
N MET A 139 26.93 -1.76 -12.15
CA MET A 139 25.75 -1.41 -12.94
C MET A 139 25.73 0.08 -13.27
N LEU A 140 26.12 0.93 -12.32
CA LEU A 140 26.13 2.36 -12.59
C LEU A 140 27.20 2.72 -13.62
N GLU A 141 28.31 1.99 -13.64
CA GLU A 141 29.35 2.24 -14.64
C GLU A 141 28.94 1.77 -16.02
N GLU A 142 27.96 0.88 -16.13
CA GLU A 142 27.56 0.29 -17.39
C GLU A 142 26.20 0.73 -17.90
N MET A 143 25.37 1.34 -17.06
CA MET A 143 23.97 1.55 -17.41
C MET A 143 23.82 2.74 -18.33
N LYS A 144 23.10 2.54 -19.42
CA LYS A 144 22.68 3.63 -20.29
C LYS A 144 21.30 4.13 -19.86
N GLU A 145 20.98 5.36 -20.29
CA GLU A 145 19.69 5.95 -19.92
C GLU A 145 18.52 5.10 -20.39
N GLU A 146 18.69 4.38 -21.50
CA GLU A 146 17.63 3.51 -22.03
C GLU A 146 17.50 2.20 -21.26
N ASP A 147 18.35 1.95 -20.27
CA ASP A 147 18.35 0.69 -19.54
C ASP A 147 17.88 0.82 -18.10
N LEU A 148 17.48 2.00 -17.66
CA LEU A 148 17.13 2.22 -16.26
C LEU A 148 15.95 1.34 -15.84
N TYR A 149 15.98 0.91 -14.58
CA TYR A 149 14.95 0.01 -14.06
C TYR A 149 13.69 0.77 -13.69
N ASP A 150 12.56 0.09 -13.79
CA ASP A 150 11.29 0.68 -13.36
C ASP A 150 11.10 0.57 -11.86
N TYR A 151 11.61 -0.50 -11.24
CA TYR A 151 11.22 -0.90 -9.91
C TYR A 151 12.39 -1.59 -9.24
N ALA A 152 12.56 -1.33 -7.95
CA ALA A 152 13.62 -1.93 -7.15
C ALA A 152 13.06 -2.31 -5.79
N PHE A 153 13.30 -3.55 -5.37
CA PHE A 153 12.88 -4.04 -4.06
C PHE A 153 14.13 -4.35 -3.25
N VAL A 154 14.26 -3.71 -2.09
CA VAL A 154 15.47 -3.76 -1.27
C VAL A 154 15.14 -4.49 0.02
N ASP A 155 15.78 -5.63 0.24
CA ASP A 155 15.39 -6.51 1.34
C ASP A 155 16.56 -7.38 1.76
N ALA A 156 17.74 -6.79 1.92
CA ALA A 156 18.99 -7.51 2.08
C ALA A 156 19.63 -7.11 3.42
N ASP A 157 20.92 -6.81 3.47
CA ASP A 157 21.58 -6.39 4.71
C ASP A 157 20.99 -5.08 5.22
N LYS A 158 20.33 -5.11 6.37
CA LYS A 158 19.55 -3.96 6.83
C LYS A 158 20.42 -2.73 7.04
N SER A 159 21.59 -2.89 7.64
CA SER A 159 22.43 -1.73 7.92
C SER A 159 23.01 -1.08 6.67
N ASN A 160 22.79 -1.65 5.49
CA ASN A 160 23.34 -1.13 4.25
C ASN A 160 22.31 -0.44 3.36
N TYR A 161 21.06 -0.26 3.84
CA TYR A 161 20.03 0.31 2.98
C TYR A 161 20.41 1.70 2.47
N ALA A 162 20.93 2.54 3.37
CA ALA A 162 21.32 3.89 2.97
C ALA A 162 22.36 3.88 1.86
N ASN A 163 23.25 2.86 1.85
CA ASN A 163 24.24 2.74 0.80
C ASN A 163 23.60 2.29 -0.51
N TYR A 164 22.73 1.28 -0.45
CA TYR A 164 21.95 0.91 -1.63
C TYR A 164 21.20 2.10 -2.20
N HIS A 165 20.58 2.90 -1.32
CA HIS A 165 19.76 4.02 -1.77
C HIS A 165 20.54 4.96 -2.70
N GLU A 166 21.78 5.29 -2.34
CA GLU A 166 22.55 6.24 -3.16
C GLU A 166 22.83 5.69 -4.55
N ARG A 167 22.96 4.37 -4.69
CA ARG A 167 23.12 3.78 -6.01
C ARG A 167 21.78 3.69 -6.74
N LEU A 168 20.71 3.29 -6.04
CA LEU A 168 19.46 2.98 -6.71
C LEU A 168 18.75 4.24 -7.21
N VAL A 169 18.93 5.39 -6.54
CA VAL A 169 18.34 6.62 -7.05
C VAL A 169 18.94 7.03 -8.38
N LYS A 170 20.03 6.37 -8.81
CA LYS A 170 20.61 6.60 -10.12
C LYS A 170 20.34 5.46 -11.09
N LEU A 171 19.85 4.31 -10.61
CA LEU A 171 19.62 3.14 -11.44
C LEU A 171 18.16 2.90 -11.77
N VAL A 172 17.23 3.58 -11.10
CA VAL A 172 15.82 3.51 -11.46
C VAL A 172 15.47 4.76 -12.24
N ARG A 173 14.60 4.59 -13.23
CA ARG A 173 14.17 5.71 -14.05
C ARG A 173 13.48 6.78 -13.21
N ILE A 174 13.43 7.99 -13.77
CA ILE A 174 12.58 9.02 -13.19
C ILE A 174 11.13 8.55 -13.25
N GLY A 175 10.42 8.71 -12.14
CA GLY A 175 9.11 8.11 -12.00
C GLY A 175 9.14 6.65 -11.59
N GLY A 176 10.32 6.01 -11.56
CA GLY A 176 10.44 4.65 -11.10
C GLY A 176 10.36 4.55 -9.58
N ALA A 177 10.16 3.33 -9.10
CA ALA A 177 9.87 3.09 -7.69
C ALA A 177 10.99 2.30 -7.03
N ILE A 178 11.36 2.72 -5.81
CA ILE A 178 12.29 1.98 -4.95
C ILE A 178 11.57 1.68 -3.65
N LEU A 179 11.47 0.40 -3.30
CA LEU A 179 10.78 -0.05 -2.10
C LEU A 179 11.77 -0.66 -1.12
N TYR A 180 11.74 -0.19 0.13
CA TYR A 180 12.57 -0.73 1.19
C TYR A 180 11.71 -1.56 2.15
N ASP A 181 12.14 -2.79 2.41
CA ASP A 181 11.42 -3.69 3.29
C ASP A 181 11.88 -3.50 4.73
N ASN A 182 10.97 -3.78 5.67
CA ASN A 182 11.24 -3.83 7.12
C ASN A 182 11.49 -2.45 7.75
N THR A 183 10.97 -1.37 7.15
CA THR A 183 11.31 -0.03 7.64
C THR A 183 10.68 0.30 8.99
N LEU A 184 9.73 -0.50 9.48
CA LEU A 184 9.21 -0.36 10.83
C LEU A 184 9.89 -1.30 11.83
N TRP A 185 10.63 -2.29 11.36
CA TRP A 185 11.44 -3.19 12.19
C TRP A 185 10.66 -3.68 13.43
N PHE A 186 9.59 -4.41 13.17
CA PHE A 186 8.77 -5.03 14.22
C PHE A 186 8.19 -4.02 15.19
N GLY A 187 8.16 -2.74 14.79
CA GLY A 187 7.65 -1.68 15.63
C GLY A 187 8.67 -1.02 16.53
N SER A 188 9.86 -1.62 16.68
CA SER A 188 10.85 -1.13 17.63
C SER A 188 11.46 0.21 17.23
N VAL A 189 11.27 0.66 15.99
CA VAL A 189 11.79 1.96 15.58
C VAL A 189 11.06 3.11 16.26
N ALA A 190 9.87 2.85 16.82
CA ALA A 190 9.02 3.93 17.30
C ALA A 190 9.54 4.61 18.57
N TYR A 191 10.56 4.04 19.21
CA TYR A 191 11.09 4.60 20.45
C TYR A 191 12.57 4.87 20.33
N PRO A 192 13.09 5.86 21.05
CA PRO A 192 14.55 6.12 21.02
C PRO A 192 15.38 4.91 21.46
N GLU A 193 14.90 4.13 22.42
CA GLU A 193 15.60 2.96 22.92
C GLU A 193 14.63 1.79 23.03
N TYR A 194 15.17 0.57 22.95
CA TYR A 194 14.35 -0.64 22.93
C TYR A 194 15.14 -1.79 23.58
N PRO A 195 14.80 -2.15 24.81
CA PRO A 195 15.55 -3.20 25.51
C PRO A 195 15.29 -4.60 24.96
N GLY A 196 16.23 -5.50 25.26
CA GLY A 196 16.05 -6.92 25.01
C GLY A 196 16.43 -7.39 23.62
N LEU A 197 17.21 -6.63 22.87
CA LEU A 197 17.52 -6.94 21.48
C LEU A 197 18.90 -7.54 21.34
N HIS A 198 19.02 -8.47 20.39
CA HIS A 198 20.32 -8.91 19.91
C HIS A 198 21.12 -7.70 19.41
N PRO A 199 22.44 -7.71 19.58
CA PRO A 199 23.25 -6.58 19.09
C PRO A 199 22.95 -6.14 17.66
N GLU A 200 22.94 -7.06 16.71
CA GLU A 200 22.70 -6.67 15.32
C GLU A 200 21.22 -6.42 15.04
N GLU A 201 20.32 -6.87 15.91
CA GLU A 201 18.95 -6.38 15.89
C GLU A 201 18.92 -4.89 16.24
N GLU A 202 19.76 -4.48 17.20
CA GLU A 202 19.80 -3.07 17.59
C GLU A 202 20.46 -2.21 16.52
N VAL A 203 21.44 -2.76 15.79
CA VAL A 203 22.06 -2.02 14.70
C VAL A 203 21.03 -1.74 13.60
N ALA A 204 20.25 -2.77 13.24
CA ALA A 204 19.22 -2.59 12.21
C ALA A 204 18.19 -1.56 12.64
N ARG A 205 17.76 -1.64 13.90
CA ARG A 205 16.77 -0.71 14.43
C ARG A 205 17.24 0.74 14.27
N LEU A 206 18.48 1.02 14.70
CA LEU A 206 19.01 2.37 14.58
C LEU A 206 19.20 2.76 13.12
N SER A 207 19.62 1.80 12.29
CA SER A 207 19.80 2.08 10.87
C SER A 207 18.47 2.43 10.21
N PHE A 208 17.38 1.79 10.63
CA PHE A 208 16.08 2.14 10.07
C PHE A 208 15.58 3.47 10.61
N ARG A 209 15.84 3.77 11.88
CA ARG A 209 15.47 5.07 12.42
C ARG A 209 16.16 6.19 11.65
N ASN A 210 17.45 6.03 11.38
CA ASN A 210 18.18 7.00 10.56
C ASN A 210 17.68 7.00 9.12
N LEU A 211 17.44 5.82 8.55
CA LEU A 211 16.97 5.74 7.17
C LEU A 211 15.63 6.45 7.00
N ASN A 212 14.70 6.23 7.93
CA ASN A 212 13.37 6.82 7.78
C ASN A 212 13.42 8.34 7.85
N THR A 213 14.24 8.89 8.75
CA THR A 213 14.40 10.33 8.81
C THR A 213 15.05 10.86 7.53
N PHE A 214 16.08 10.18 7.03
CA PHE A 214 16.76 10.62 5.82
C PHE A 214 15.83 10.60 4.61
N LEU A 215 15.05 9.52 4.46
CA LEU A 215 14.17 9.40 3.30
C LEU A 215 13.09 10.47 3.30
N ALA A 216 12.56 10.80 4.48
CA ALA A 216 11.52 11.82 4.58
C ALA A 216 12.04 13.20 4.18
N ALA A 217 13.34 13.45 4.34
CA ALA A 217 13.93 14.73 3.97
C ALA A 217 14.58 14.73 2.59
N ASP A 218 14.71 13.57 1.95
CA ASP A 218 15.43 13.43 0.68
C ASP A 218 14.65 14.08 -0.46
N PRO A 219 15.12 15.19 -1.03
CA PRO A 219 14.34 15.86 -2.09
C PRO A 219 14.36 15.13 -3.42
N ARG A 220 15.23 14.13 -3.59
CA ARG A 220 15.30 13.39 -4.84
C ARG A 220 14.11 12.46 -5.04
N VAL A 221 13.26 12.26 -4.03
CA VAL A 221 12.18 11.28 -4.10
C VAL A 221 10.97 11.77 -3.32
N GLU A 222 9.80 11.27 -3.70
N GLU A 222 9.80 11.29 -3.72
CA GLU A 222 8.61 11.32 -2.86
CA GLU A 222 8.60 11.29 -2.89
C GLU A 222 8.41 9.94 -2.26
C GLU A 222 8.48 9.93 -2.23
N ILE A 223 7.93 9.89 -1.02
CA ILE A 223 7.90 8.65 -0.26
C ILE A 223 6.50 8.35 0.26
N SER A 224 6.30 7.08 0.62
CA SER A 224 5.12 6.62 1.33
C SER A 224 5.51 5.43 2.19
N GLN A 225 5.39 5.58 3.51
CA GLN A 225 5.65 4.48 4.43
C GLN A 225 4.33 3.76 4.71
N VAL A 226 4.30 2.46 4.42
CA VAL A 226 3.07 1.66 4.46
C VAL A 226 3.23 0.60 5.54
N SER A 227 2.29 0.59 6.49
CA SER A 227 2.31 -0.35 7.61
C SER A 227 1.76 -1.72 7.21
N ILE A 228 2.36 -2.28 6.15
CA ILE A 228 2.05 -3.64 5.71
C ILE A 228 3.27 -4.52 5.96
N GLY A 229 3.02 -5.78 6.30
CA GLY A 229 4.12 -6.68 6.60
C GLY A 229 4.88 -6.21 7.82
N ASP A 230 6.17 -5.96 7.66
CA ASP A 230 7.00 -5.31 8.66
C ASP A 230 7.26 -3.84 8.33
N GLY A 231 6.43 -3.25 7.48
CA GLY A 231 6.66 -1.89 7.05
C GLY A 231 7.41 -1.83 5.74
N VAL A 232 6.79 -1.20 4.73
CA VAL A 232 7.41 -0.99 3.43
C VAL A 232 7.39 0.50 3.15
N THR A 233 8.54 1.05 2.76
CA THR A 233 8.63 2.44 2.36
C THR A 233 8.79 2.50 0.84
N ILE A 234 7.81 3.10 0.17
CA ILE A 234 7.83 3.28 -1.27
C ILE A 234 8.45 4.64 -1.58
N CYS A 235 9.48 4.65 -2.42
CA CYS A 235 10.08 5.88 -2.93
C CYS A 235 9.83 5.97 -4.43
N ARG A 236 9.59 7.20 -4.90
CA ARG A 236 9.43 7.45 -6.33
C ARG A 236 10.44 8.52 -6.71
N ARG A 237 11.28 8.22 -7.70
CA ARG A 237 12.37 9.12 -8.07
C ARG A 237 11.84 10.36 -8.78
N LEU A 238 12.22 11.54 -8.28
CA LEU A 238 11.76 12.79 -8.87
C LEU A 238 12.70 13.33 -9.95
N TYR A 239 14.00 13.21 -9.73
CA TYR A 239 14.98 13.67 -10.73
C TYR A 239 16.33 12.96 -10.53
N ASP B 6 -18.96 8.10 22.24
CA ASP B 6 -19.98 8.07 23.28
C ASP B 6 -21.28 7.45 22.76
N ASP B 7 -21.39 7.38 21.44
CA ASP B 7 -22.50 6.70 20.78
C ASP B 7 -22.05 5.56 19.88
N TYR B 8 -20.85 5.64 19.32
CA TYR B 8 -20.29 4.59 18.50
C TYR B 8 -19.07 4.01 19.20
N SER B 9 -18.84 2.72 19.02
N SER B 9 -18.91 2.69 19.09
CA SER B 9 -17.91 1.98 19.86
CA SER B 9 -17.89 1.97 19.84
C SER B 9 -16.50 1.88 19.29
C SER B 9 -16.57 1.88 19.10
N LEU B 10 -16.33 1.89 17.97
N LEU B 10 -16.52 2.27 17.84
CA LEU B 10 -15.05 1.58 17.34
CA LEU B 10 -15.29 2.33 17.06
C LEU B 10 -14.13 2.78 17.21
C LEU B 10 -15.02 3.80 16.74
N VAL B 11 -14.58 3.99 17.56
N VAL B 11 -14.07 4.40 17.47
CA VAL B 11 -13.89 5.20 17.12
CA VAL B 11 -13.81 5.84 17.35
C VAL B 11 -12.53 5.40 17.79
C VAL B 11 -12.36 6.16 17.07
N HIS B 12 -12.24 4.72 18.90
N HIS B 12 -11.42 5.27 17.36
CA HIS B 12 -10.97 4.85 19.57
CA HIS B 12 -10.00 5.54 17.17
C HIS B 12 -10.05 3.66 19.34
C HIS B 12 -9.47 4.71 16.00
N LYS B 13 -10.29 2.88 18.29
N LYS B 13 -8.99 5.39 14.97
CA LYS B 13 -9.52 1.68 17.99
CA LYS B 13 -8.53 4.74 13.75
C LYS B 13 -8.64 1.89 16.77
C LYS B 13 -7.14 4.17 13.98
N ASN B 14 -7.47 1.29 16.77
N ASN B 14 -7.08 2.89 14.38
CA ASN B 14 -6.57 1.30 15.63
CA ASN B 14 -5.79 2.27 14.66
C ASN B 14 -6.09 -0.12 15.36
C ASN B 14 -5.97 0.76 14.69
N ILE B 15 -5.71 -0.38 14.11
N ILE B 15 -5.45 0.08 13.66
CA ILE B 15 -5.29 -1.72 13.71
CA ILE B 15 -5.36 -1.38 13.65
C ILE B 15 -3.82 -1.99 13.96
C ILE B 15 -3.96 -1.88 14.04
N LEU B 16 -3.01 -0.98 14.22
CA LEU B 16 -1.64 -1.27 14.59
C LEU B 16 -1.55 -1.62 16.08
N HIS B 17 -0.42 -2.21 16.48
CA HIS B 17 -0.32 -2.75 17.84
C HIS B 17 -0.19 -1.67 18.91
N SER B 18 0.15 -0.45 18.54
CA SER B 18 0.32 0.60 19.53
C SER B 18 0.10 1.96 18.88
N GLU B 19 -0.42 2.89 19.68
CA GLU B 19 -0.53 4.28 19.24
C GLU B 19 0.83 4.90 18.98
N ASP B 20 1.86 4.44 19.70
CA ASP B 20 3.20 5.01 19.53
C ASP B 20 3.75 4.72 18.14
N LEU B 21 3.49 3.52 17.62
CA LEU B 21 3.96 3.19 16.26
C LEU B 21 3.27 4.07 15.22
N LEU B 22 1.94 4.21 15.32
CA LEU B 22 1.22 5.08 14.40
C LEU B 22 1.73 6.52 14.48
N LYS B 23 1.94 7.02 15.70
CA LYS B 23 2.47 8.37 15.85
C LYS B 23 3.86 8.50 15.23
N TYR B 24 4.71 7.48 15.42
CA TYR B 24 6.02 7.48 14.77
C TYR B 24 5.88 7.60 13.25
N ILE B 25 4.98 6.80 12.65
CA ILE B 25 4.80 6.84 11.21
C ILE B 25 4.36 8.24 10.77
N LEU B 26 3.33 8.78 11.42
CA LEU B 26 2.81 10.08 11.03
C LEU B 26 3.88 11.16 11.18
N GLU B 27 4.63 11.14 12.28
CA GLU B 27 5.57 12.21 12.56
C GLU B 27 6.84 12.11 11.73
N THR B 28 7.32 10.87 11.50
CA THR B 28 8.57 10.70 10.77
C THR B 28 8.34 10.83 9.27
N SER B 29 7.30 10.19 8.75
CA SER B 29 7.15 10.00 7.31
C SER B 29 6.00 10.77 6.68
N ALA B 30 4.89 10.98 7.39
CA ALA B 30 3.70 11.54 6.78
C ALA B 30 3.65 13.07 6.89
N TYR B 31 3.64 13.59 8.12
CA TYR B 31 3.55 15.03 8.31
C TYR B 31 4.66 15.82 7.60
N PRO B 32 5.93 15.37 7.56
CA PRO B 32 6.94 16.13 6.80
C PRO B 32 6.70 16.16 5.31
N ARG B 33 5.84 15.27 4.77
CA ARG B 33 5.54 15.25 3.35
C ARG B 33 4.13 15.73 3.04
N GLU B 34 3.43 16.29 4.03
CA GLU B 34 2.04 16.71 3.87
C GLU B 34 2.01 18.15 3.39
N HIS B 35 1.32 18.38 2.27
CA HIS B 35 1.12 19.72 1.74
C HIS B 35 0.51 20.63 2.81
N GLU B 36 0.88 21.91 2.76
N GLU B 36 0.85 21.93 2.75
CA GLU B 36 0.41 22.87 3.75
CA GLU B 36 0.40 22.85 3.78
C GLU B 36 -1.12 22.92 3.81
C GLU B 36 -1.12 22.97 3.81
N GLN B 37 -1.77 22.89 2.64
CA GLN B 37 -3.23 22.97 2.62
C GLN B 37 -3.86 21.66 3.10
N LEU B 38 -3.18 20.53 2.91
CA LEU B 38 -3.66 19.28 3.51
C LEU B 38 -3.54 19.35 5.03
N LYS B 39 -2.46 19.92 5.53
CA LYS B 39 -2.31 20.12 6.97
C LYS B 39 -3.42 20.99 7.53
N GLY B 40 -3.75 22.07 6.83
CA GLY B 40 -4.82 22.95 7.31
C GLY B 40 -6.17 22.27 7.34
N LEU B 41 -6.54 21.62 6.23
CA LEU B 41 -7.83 20.92 6.16
C LEU B 41 -7.93 19.87 7.26
N ARG B 42 -6.85 19.12 7.49
CA ARG B 42 -6.88 18.08 8.51
C ARG B 42 -7.11 18.66 9.91
N GLU B 43 -6.44 19.78 10.22
CA GLU B 43 -6.51 20.30 11.58
C GLU B 43 -7.86 20.94 11.88
N VAL B 44 -8.55 21.49 10.87
CA VAL B 44 -9.90 21.95 11.13
C VAL B 44 -10.85 20.75 11.24
N THR B 45 -10.62 19.72 10.43
CA THR B 45 -11.49 18.54 10.46
C THR B 45 -11.41 17.84 11.80
N GLU B 46 -10.23 17.82 12.42
CA GLU B 46 -10.05 17.13 13.69
C GLU B 46 -10.95 17.68 14.77
N LYS B 47 -11.41 18.92 14.64
CA LYS B 47 -12.34 19.53 15.58
C LYS B 47 -13.80 19.30 15.21
N HIS B 48 -14.06 18.68 14.06
CA HIS B 48 -15.43 18.39 13.65
C HIS B 48 -15.93 17.13 14.35
N GLU B 49 -17.26 17.03 14.50
CA GLU B 49 -17.82 15.95 15.30
C GLU B 49 -17.57 14.59 14.68
N TRP B 50 -17.49 14.51 13.34
CA TRP B 50 -17.26 13.26 12.63
C TRP B 50 -15.80 13.06 12.23
N SER B 51 -14.87 13.58 13.04
CA SER B 51 -13.46 13.51 12.68
C SER B 51 -12.93 12.08 12.62
N THR B 52 -13.64 11.13 13.22
CA THR B 52 -13.21 9.74 13.14
C THR B 52 -13.22 9.21 11.71
N ALA B 53 -14.04 9.81 10.84
CA ALA B 53 -14.13 9.36 9.45
C ALA B 53 -13.00 9.88 8.57
N LEU B 54 -12.16 10.77 9.10
CA LEU B 54 -11.12 11.40 8.30
C LEU B 54 -10.08 10.38 7.85
N VAL B 55 -9.73 10.42 6.56
CA VAL B 55 -8.65 9.59 6.02
C VAL B 55 -7.34 10.05 6.66
N PRO B 56 -6.58 9.18 7.29
CA PRO B 56 -5.37 9.60 8.00
C PRO B 56 -4.26 10.00 7.03
N ALA B 57 -3.25 10.68 7.60
CA ALA B 57 -2.21 11.28 6.79
C ALA B 57 -1.29 10.26 6.15
N ASP B 58 -1.03 9.12 6.82
CA ASP B 58 -0.14 8.13 6.23
C ASP B 58 -0.83 7.41 5.09
N GLU B 59 -2.13 7.13 5.23
CA GLU B 59 -2.89 6.58 4.11
C GLU B 59 -2.98 7.58 2.96
N GLY B 60 -3.18 8.87 3.28
CA GLY B 60 -3.28 9.87 2.24
C GLY B 60 -2.06 9.91 1.34
N LEU B 61 -0.86 9.89 1.93
CA LEU B 61 0.36 9.84 1.13
C LEU B 61 0.44 8.55 0.31
N PHE B 62 -0.17 7.47 0.80
CA PHE B 62 -0.19 6.22 0.05
C PHE B 62 -1.08 6.32 -1.18
N LEU B 63 -2.26 6.93 -1.05
CA LEU B 63 -3.09 7.20 -2.21
C LEU B 63 -2.36 8.07 -3.23
N SER B 64 -1.70 9.12 -2.74
CA SER B 64 -0.94 10.01 -3.61
C SER B 64 0.13 9.24 -4.38
N MET B 65 0.86 8.35 -3.70
CA MET B 65 1.88 7.53 -4.37
C MET B 65 1.27 6.65 -5.45
N LEU B 66 0.15 5.98 -5.14
CA LEU B 66 -0.49 5.10 -6.12
C LEU B 66 -0.93 5.87 -7.36
N LEU B 67 -1.55 7.03 -7.17
CA LEU B 67 -1.99 7.85 -8.30
C LEU B 67 -0.83 8.17 -9.23
N LYS B 68 0.31 8.54 -8.67
CA LYS B 68 1.43 8.95 -9.49
C LYS B 68 2.10 7.76 -10.17
N LEU B 69 2.30 6.67 -9.43
CA LEU B 69 2.95 5.50 -10.02
C LEU B 69 2.17 4.97 -11.22
N MET B 70 0.84 5.02 -11.17
CA MET B 70 0.03 4.51 -12.27
C MET B 70 -0.33 5.61 -13.28
N ASN B 71 0.13 6.84 -13.05
CA ASN B 71 -0.08 7.94 -13.99
C ASN B 71 -1.57 8.20 -14.21
N ALA B 72 -2.32 8.26 -13.12
CA ALA B 72 -3.75 8.53 -13.20
C ALA B 72 -4.01 9.94 -13.73
N LYS B 73 -5.04 10.07 -14.56
CA LYS B 73 -5.47 11.34 -15.13
C LYS B 73 -6.91 11.68 -14.80
N ARG B 74 -7.81 10.70 -14.85
CA ARG B 74 -9.23 10.90 -14.60
C ARG B 74 -9.64 9.97 -13.46
N THR B 75 -10.18 10.54 -12.39
CA THR B 75 -10.50 9.77 -11.21
C THR B 75 -11.90 10.11 -10.72
N ILE B 76 -12.44 9.24 -9.88
CA ILE B 76 -13.73 9.44 -9.25
C ILE B 76 -13.57 9.16 -7.76
N GLU B 77 -14.22 9.99 -6.94
CA GLU B 77 -14.07 9.97 -5.49
C GLU B 77 -15.45 9.90 -4.88
N ILE B 78 -15.76 8.78 -4.22
CA ILE B 78 -17.09 8.53 -3.66
C ILE B 78 -16.97 8.64 -2.15
N GLY B 79 -17.58 9.68 -1.58
CA GLY B 79 -17.45 9.96 -0.16
C GLY B 79 -16.36 10.99 0.10
N VAL B 80 -16.73 12.26 0.16
CA VAL B 80 -15.77 13.36 0.18
C VAL B 80 -15.50 13.84 1.61
N TYR B 81 -16.57 14.08 2.38
CA TYR B 81 -16.48 14.63 3.75
C TYR B 81 -15.83 16.01 3.63
N THR B 82 -14.81 16.34 4.43
CA THR B 82 -14.20 17.66 4.30
C THR B 82 -13.20 17.74 3.16
N GLY B 83 -12.88 16.62 2.50
CA GLY B 83 -12.12 16.64 1.28
C GLY B 83 -10.65 16.27 1.38
N TYR B 84 -10.21 15.64 2.47
CA TYR B 84 -8.79 15.33 2.62
C TYR B 84 -8.29 14.42 1.50
N SER B 85 -8.95 13.28 1.29
CA SER B 85 -8.52 12.40 0.20
C SER B 85 -8.75 13.04 -1.15
N LEU B 86 -9.80 13.86 -1.30
CA LEU B 86 -10.03 14.58 -2.56
C LEU B 86 -8.88 15.55 -2.84
N LEU B 87 -8.56 16.42 -1.88
CA LEU B 87 -7.44 17.34 -2.05
C LEU B 87 -6.13 16.59 -2.27
N THR B 88 -5.94 15.48 -1.56
CA THR B 88 -4.79 14.61 -1.79
C THR B 88 -4.72 14.18 -3.25
N THR B 89 -5.86 13.74 -3.79
CA THR B 89 -5.91 13.30 -5.18
C THR B 89 -5.64 14.46 -6.14
N ALA B 90 -6.27 15.61 -5.89
CA ALA B 90 -6.13 16.76 -6.80
C ALA B 90 -4.68 17.24 -6.85
N LEU B 91 -3.97 17.18 -5.73
CA LEU B 91 -2.57 17.58 -5.70
C LEU B 91 -1.66 16.56 -6.36
N ALA B 92 -2.08 15.29 -6.42
CA ALA B 92 -1.25 14.26 -7.03
C ALA B 92 -1.39 14.19 -8.54
N LEU B 93 -2.55 14.57 -9.07
CA LEU B 93 -2.81 14.47 -10.50
C LEU B 93 -2.06 15.55 -11.26
N PRO B 94 -1.83 15.35 -12.56
CA PRO B 94 -1.24 16.42 -13.39
C PRO B 94 -2.19 17.60 -13.48
N GLU B 95 -1.66 18.71 -14.02
CA GLU B 95 -2.43 19.95 -14.08
C GLU B 95 -3.75 19.78 -14.83
N ASP B 96 -3.79 18.87 -15.80
CA ASP B 96 -4.98 18.63 -16.60
C ASP B 96 -5.85 17.51 -16.03
N GLY B 97 -5.56 17.03 -14.82
CA GLY B 97 -6.35 15.96 -14.24
C GLY B 97 -7.75 16.38 -13.89
N LYS B 98 -8.68 15.43 -13.95
CA LYS B 98 -10.09 15.68 -13.69
C LYS B 98 -10.62 14.67 -12.68
N ILE B 99 -11.39 15.16 -11.72
CA ILE B 99 -11.96 14.35 -10.64
C ILE B 99 -13.46 14.57 -10.60
N THR B 100 -14.22 13.47 -10.53
CA THR B 100 -15.64 13.51 -10.23
C THR B 100 -15.81 13.15 -8.75
N ALA B 101 -16.26 14.12 -7.96
CA ALA B 101 -16.40 13.95 -6.52
C ALA B 101 -17.88 13.88 -6.17
N ILE B 102 -18.26 12.90 -5.34
CA ILE B 102 -19.65 12.63 -5.02
C ILE B 102 -19.80 12.51 -3.51
N ASP B 103 -20.82 13.17 -2.96
CA ASP B 103 -21.10 13.13 -1.53
C ASP B 103 -22.49 13.70 -1.29
N VAL B 104 -23.26 13.06 -0.40
CA VAL B 104 -24.62 13.51 -0.14
C VAL B 104 -24.68 14.84 0.57
N ASN B 105 -23.58 15.28 1.18
CA ASN B 105 -23.59 16.42 2.08
C ASN B 105 -22.48 17.38 1.68
N LYS B 106 -22.82 18.43 0.95
CA LYS B 106 -21.82 19.40 0.51
C LYS B 106 -21.41 20.36 1.62
N SER B 107 -22.18 20.43 2.72
CA SER B 107 -21.76 21.24 3.86
C SER B 107 -20.40 20.81 4.37
N TYR B 108 -20.16 19.51 4.45
CA TYR B 108 -18.82 19.02 4.82
C TYR B 108 -17.78 19.51 3.83
N TYR B 109 -18.11 19.46 2.53
CA TYR B 109 -17.14 19.81 1.50
C TYR B 109 -16.73 21.28 1.61
N GLU B 110 -17.66 22.15 1.97
CA GLU B 110 -17.35 23.57 2.10
C GLU B 110 -16.45 23.86 3.29
N ILE B 111 -16.29 22.93 4.22
CA ILE B 111 -15.27 23.07 5.25
C ILE B 111 -13.88 23.02 4.63
N GLY B 112 -13.68 22.16 3.64
CA GLY B 112 -12.36 21.99 3.06
C GLY B 112 -12.12 22.78 1.78
N LEU B 113 -13.19 23.27 1.16
CA LEU B 113 -13.05 23.96 -0.12
C LEU B 113 -12.10 25.15 -0.06
N PRO B 114 -12.05 25.97 1.00
CA PRO B 114 -11.06 27.05 1.02
C PRO B 114 -9.62 26.56 0.90
N PHE B 115 -9.32 25.39 1.48
CA PHE B 115 -7.98 24.84 1.36
C PHE B 115 -7.72 24.29 -0.04
N ILE B 116 -8.73 23.66 -0.64
CA ILE B 116 -8.62 23.20 -2.03
C ILE B 116 -8.36 24.39 -2.95
N GLN B 117 -9.08 25.49 -2.73
CA GLN B 117 -8.91 26.69 -3.55
C GLN B 117 -7.53 27.30 -3.34
N LYS B 118 -7.11 27.45 -2.08
CA LYS B 118 -5.79 28.02 -1.80
C LYS B 118 -4.68 27.17 -2.41
N ALA B 119 -4.86 25.84 -2.41
CA ALA B 119 -3.93 24.96 -3.10
C ALA B 119 -3.98 25.13 -4.61
N GLY B 120 -4.98 25.83 -5.14
CA GLY B 120 -5.06 26.09 -6.56
C GLY B 120 -5.41 24.90 -7.41
N VAL B 121 -6.21 23.97 -6.88
CA VAL B 121 -6.57 22.75 -7.59
C VAL B 121 -8.07 22.59 -7.76
N GLU B 122 -8.87 23.59 -7.38
CA GLU B 122 -10.32 23.44 -7.48
C GLU B 122 -10.76 23.25 -8.92
N HIS B 123 -9.98 23.73 -9.88
CA HIS B 123 -10.34 23.58 -11.29
C HIS B 123 -10.38 22.11 -11.73
N LYS B 124 -9.75 21.21 -10.97
CA LYS B 124 -9.75 19.80 -11.34
C LYS B 124 -10.99 19.06 -10.88
N ILE B 125 -11.87 19.68 -10.11
CA ILE B 125 -12.89 18.98 -9.34
C ILE B 125 -14.27 19.32 -9.89
N ASN B 126 -15.06 18.30 -10.20
CA ASN B 126 -16.48 18.43 -10.48
C ASN B 126 -17.22 17.76 -9.33
N PHE B 127 -17.81 18.57 -8.45
CA PHE B 127 -18.47 18.06 -7.27
C PHE B 127 -19.97 17.90 -7.53
N ILE B 128 -20.51 16.76 -7.11
CA ILE B 128 -21.91 16.42 -7.33
C ILE B 128 -22.52 16.08 -5.98
N GLU B 129 -23.50 16.89 -5.55
CA GLU B 129 -24.15 16.66 -4.26
C GLU B 129 -25.32 15.71 -4.49
N SER B 130 -25.07 14.43 -4.26
CA SER B 130 -26.08 13.41 -4.52
C SER B 130 -25.69 12.14 -3.78
N GLU B 131 -26.64 11.20 -3.72
CA GLU B 131 -26.28 9.84 -3.38
C GLU B 131 -25.47 9.23 -4.52
N ALA B 132 -24.52 8.37 -4.14
CA ALA B 132 -23.54 7.90 -5.12
C ALA B 132 -24.17 6.99 -6.17
N LEU B 133 -25.04 6.06 -5.75
CA LEU B 133 -25.56 5.06 -6.69
C LEU B 133 -26.28 5.67 -7.88
N PRO B 134 -27.20 6.64 -7.72
CA PRO B 134 -27.87 7.17 -8.92
C PRO B 134 -26.92 7.81 -9.91
N VAL B 135 -25.86 8.47 -9.42
CA VAL B 135 -24.89 9.10 -10.31
C VAL B 135 -24.12 8.03 -11.08
N LEU B 136 -23.67 6.98 -10.38
CA LEU B 136 -22.95 5.91 -11.04
C LEU B 136 -23.81 5.23 -12.09
N ASP B 137 -25.09 5.04 -11.79
CA ASP B 137 -26.01 4.43 -12.76
C ASP B 137 -26.19 5.35 -13.97
N GLN B 138 -26.29 6.65 -13.73
CA GLN B 138 -26.37 7.58 -14.86
C GLN B 138 -25.06 7.62 -15.63
N MET B 139 -23.92 7.43 -14.96
CA MET B 139 -22.64 7.36 -15.66
C MET B 139 -22.56 6.14 -16.56
N LEU B 140 -23.20 5.03 -16.19
CA LEU B 140 -23.14 3.83 -17.00
C LEU B 140 -23.82 4.02 -18.35
N GLU B 141 -24.84 4.88 -18.43
CA GLU B 141 -25.53 5.09 -19.70
C GLU B 141 -24.78 6.05 -20.62
N GLU B 142 -24.09 7.05 -20.05
CA GLU B 142 -23.39 8.04 -20.86
C GLU B 142 -21.93 7.70 -21.11
N MET B 143 -21.35 6.81 -20.32
CA MET B 143 -19.92 6.53 -20.40
C MET B 143 -19.53 6.03 -21.78
N LYS B 144 -18.51 6.63 -22.36
CA LYS B 144 -17.88 6.14 -23.57
C LYS B 144 -16.62 5.37 -23.20
N GLU B 145 -16.27 4.39 -24.04
CA GLU B 145 -15.14 3.53 -23.74
C GLU B 145 -13.86 4.34 -23.54
N GLU B 146 -13.70 5.43 -24.28
CA GLU B 146 -12.52 6.28 -24.12
C GLU B 146 -12.64 7.24 -22.93
N ASP B 147 -13.74 7.18 -22.17
CA ASP B 147 -13.95 8.07 -21.04
C ASP B 147 -13.87 7.34 -19.70
N LEU B 148 -13.44 6.09 -19.68
CA LEU B 148 -13.38 5.31 -18.45
C LEU B 148 -12.37 5.91 -17.48
N TYR B 149 -12.66 5.77 -16.19
CA TYR B 149 -11.79 6.31 -15.16
C TYR B 149 -10.57 5.41 -14.95
N ASP B 150 -9.44 6.05 -14.62
CA ASP B 150 -8.24 5.32 -14.23
C ASP B 150 -8.32 4.80 -12.81
N TYR B 151 -9.05 5.49 -11.94
CA TYR B 151 -8.90 5.31 -10.50
C TYR B 151 -10.19 5.71 -9.80
N ALA B 152 -10.58 4.91 -8.81
CA ALA B 152 -11.79 5.17 -8.02
C ALA B 152 -11.50 4.90 -6.55
N PHE B 153 -11.76 5.90 -5.71
CA PHE B 153 -11.64 5.76 -4.25
C PHE B 153 -13.05 5.71 -3.66
N VAL B 154 -13.37 4.62 -2.97
CA VAL B 154 -14.70 4.38 -2.42
C VAL B 154 -14.63 4.53 -0.89
N ASP B 155 -15.39 5.48 -0.36
CA ASP B 155 -15.27 5.81 1.05
C ASP B 155 -16.57 6.45 1.56
N ALA B 156 -17.70 5.89 1.18
CA ALA B 156 -19.01 6.50 1.42
C ALA B 156 -19.80 5.59 2.36
N ASP B 157 -21.09 5.35 2.12
N ASP B 157 -21.09 5.34 2.13
CA ASP B 157 -21.88 4.44 2.95
CA ASP B 157 -21.85 4.49 3.04
C ASP B 157 -21.28 3.03 2.91
C ASP B 157 -21.36 3.04 2.94
N LYS B 158 -20.88 2.51 4.07
CA LYS B 158 -20.19 1.22 4.07
C LYS B 158 -21.10 0.08 3.63
N SER B 159 -22.37 0.11 4.00
CA SER B 159 -23.27 -0.99 3.65
C SER B 159 -23.57 -1.07 2.16
N ASN B 160 -23.07 -0.14 1.35
CA ASN B 160 -23.37 -0.10 -0.07
C ASN B 160 -22.17 -0.39 -0.96
N TYR B 161 -21.03 -0.80 -0.38
CA TYR B 161 -19.83 -1.01 -1.18
C TYR B 161 -20.04 -2.04 -2.28
N ALA B 162 -20.74 -3.14 -1.97
CA ALA B 162 -20.97 -4.17 -2.98
C ALA B 162 -21.77 -3.62 -4.16
N ASN B 163 -22.73 -2.72 -3.88
CA ASN B 163 -23.45 -2.09 -4.98
C ASN B 163 -22.56 -1.16 -5.78
N TYR B 164 -21.70 -0.41 -5.10
N TYR B 164 -21.69 -0.41 -5.10
CA TYR B 164 -20.74 0.46 -5.79
CA TYR B 164 -20.75 0.45 -5.82
C TYR B 164 -19.83 -0.37 -6.70
C TYR B 164 -19.82 -0.36 -6.70
N HIS B 165 -19.34 -1.50 -6.19
CA HIS B 165 -18.43 -2.36 -6.96
C HIS B 165 -19.04 -2.77 -8.30
N GLU B 166 -20.32 -3.15 -8.31
CA GLU B 166 -20.93 -3.65 -9.52
C GLU B 166 -20.97 -2.59 -10.62
N ARG B 167 -21.05 -1.31 -10.23
CA ARG B 167 -20.96 -0.24 -11.22
C ARG B 167 -19.51 0.07 -11.57
N LEU B 168 -18.61 0.07 -10.57
CA LEU B 168 -17.26 0.58 -10.78
C LEU B 168 -16.40 -0.35 -11.62
N VAL B 169 -16.69 -1.66 -11.61
CA VAL B 169 -15.93 -2.56 -12.48
C VAL B 169 -16.26 -2.34 -13.95
N LYS B 170 -17.27 -1.52 -14.24
CA LYS B 170 -17.60 -1.12 -15.61
C LYS B 170 -17.26 0.33 -15.91
N LEU B 171 -17.08 1.17 -14.90
CA LEU B 171 -16.76 2.58 -15.09
C LEU B 171 -15.27 2.86 -15.02
N VAL B 172 -14.48 1.93 -14.53
CA VAL B 172 -13.02 2.06 -14.48
C VAL B 172 -12.44 1.26 -15.63
N ARG B 173 -11.40 1.81 -16.27
CA ARG B 173 -10.79 1.13 -17.40
C ARG B 173 -10.19 -0.20 -16.99
N ILE B 174 -9.94 -1.05 -17.99
CA ILE B 174 -9.16 -2.26 -17.76
C ILE B 174 -7.76 -1.88 -17.31
N GLY B 175 -7.29 -2.51 -16.24
CA GLY B 175 -6.04 -2.11 -15.63
C GLY B 175 -6.12 -0.92 -14.71
N GLY B 176 -7.30 -0.30 -14.60
CA GLY B 176 -7.50 0.74 -13.62
C GLY B 176 -7.73 0.18 -12.23
N ALA B 177 -7.70 1.07 -11.25
CA ALA B 177 -7.73 0.70 -9.84
C ALA B 177 -9.02 1.14 -9.18
N ILE B 178 -9.54 0.29 -8.30
CA ILE B 178 -10.67 0.60 -7.43
C ILE B 178 -10.19 0.36 -6.00
N LEU B 179 -10.28 1.39 -5.15
CA LEU B 179 -9.80 1.32 -3.78
C LEU B 179 -10.99 1.45 -2.82
N TYR B 180 -11.13 0.48 -1.92
CA TYR B 180 -12.20 0.48 -0.93
C TYR B 180 -11.61 0.78 0.44
N ASP B 181 -12.04 1.88 1.04
CA ASP B 181 -11.54 2.30 2.34
C ASP B 181 -12.27 1.56 3.46
N ASN B 182 -11.58 1.39 4.59
CA ASN B 182 -12.14 0.85 5.83
C ASN B 182 -12.43 -0.64 5.77
N THR B 183 -11.77 -1.43 4.92
CA THR B 183 -12.19 -2.81 4.77
C THR B 183 -11.79 -3.71 5.93
N LEU B 184 -11.01 -3.20 6.90
CA LEU B 184 -10.73 -3.93 8.12
C LEU B 184 -11.58 -3.47 9.30
N TRP B 185 -12.27 -2.34 9.16
CA TRP B 185 -13.28 -1.85 10.10
C TRP B 185 -12.82 -1.98 11.56
N PHE B 186 -11.70 -1.31 11.86
CA PHE B 186 -11.14 -1.22 13.21
C PHE B 186 -10.79 -2.59 13.78
N GLY B 187 -10.56 -3.57 12.90
CA GLY B 187 -10.23 -4.91 13.31
C GLY B 187 -11.41 -5.81 13.60
N SER B 188 -12.64 -5.27 13.57
CA SER B 188 -13.80 -6.03 14.01
C SER B 188 -14.24 -7.08 12.99
N VAL B 189 -13.78 -6.99 11.73
CA VAL B 189 -14.13 -7.98 10.72
C VAL B 189 -13.49 -9.34 10.98
N ALA B 190 -12.51 -9.41 11.90
CA ALA B 190 -11.74 -10.62 12.09
C ALA B 190 -12.50 -11.72 12.83
N TYR B 191 -13.68 -11.42 13.37
CA TYR B 191 -14.45 -12.40 14.11
C TYR B 191 -15.86 -12.49 13.53
N PRO B 192 -16.46 -13.68 13.49
CA PRO B 192 -17.85 -13.77 13.02
C PRO B 192 -18.81 -12.97 13.87
N GLU B 193 -18.65 -13.01 15.20
CA GLU B 193 -19.46 -12.25 16.13
C GLU B 193 -18.58 -11.25 16.87
N TYR B 194 -19.10 -10.04 17.06
CA TYR B 194 -18.35 -8.97 17.70
C TYR B 194 -19.30 -8.26 18.67
N PRO B 195 -18.88 -8.00 19.90
CA PRO B 195 -19.81 -7.49 20.90
C PRO B 195 -20.03 -5.98 20.83
N GLY B 196 -21.26 -5.58 21.15
CA GLY B 196 -21.54 -4.24 21.63
C GLY B 196 -21.36 -3.09 20.67
N LEU B 197 -21.48 -3.33 19.37
CA LEU B 197 -21.39 -2.25 18.41
C LEU B 197 -22.72 -1.52 18.26
N HIS B 198 -22.64 -0.26 17.88
CA HIS B 198 -23.83 0.44 17.44
C HIS B 198 -24.43 -0.27 16.24
N PRO B 199 -25.77 -0.33 16.12
CA PRO B 199 -26.38 -1.09 15.01
C PRO B 199 -25.81 -0.76 13.63
N GLU B 200 -25.47 0.50 13.36
CA GLU B 200 -24.90 0.83 12.05
C GLU B 200 -23.46 0.35 11.94
N GLU B 201 -22.72 0.30 13.04
CA GLU B 201 -21.37 -0.26 13.00
C GLU B 201 -21.40 -1.77 12.77
N GLU B 202 -22.43 -2.44 13.31
CA GLU B 202 -22.57 -3.88 13.07
C GLU B 202 -22.98 -4.17 11.63
N VAL B 203 -23.86 -3.34 11.05
CA VAL B 203 -24.24 -3.50 9.65
C VAL B 203 -23.02 -3.33 8.75
N ALA B 204 -22.22 -2.30 9.01
CA ALA B 204 -21.00 -2.09 8.23
C ALA B 204 -20.02 -3.26 8.40
N ARG B 205 -19.90 -3.78 9.63
CA ARG B 205 -18.98 -4.88 9.87
C ARG B 205 -19.37 -6.12 9.06
N LEU B 206 -20.64 -6.52 9.13
CA LEU B 206 -21.10 -7.66 8.36
C LEU B 206 -20.99 -7.39 6.87
N SER B 207 -21.20 -6.14 6.46
CA SER B 207 -21.05 -5.78 5.06
C SER B 207 -19.60 -5.95 4.61
N PHE B 208 -18.63 -5.58 5.46
CA PHE B 208 -17.24 -5.70 5.05
C PHE B 208 -16.76 -7.15 5.05
N ARG B 209 -17.25 -7.95 5.99
CA ARG B 209 -16.94 -9.38 5.96
C ARG B 209 -17.41 -10.01 4.65
N ASN B 210 -18.63 -9.69 4.22
CA ASN B 210 -19.15 -10.18 2.94
C ASN B 210 -18.36 -9.63 1.76
N LEU B 211 -18.07 -8.32 1.77
CA LEU B 211 -17.33 -7.72 0.66
C LEU B 211 -15.92 -8.31 0.53
N ASN B 212 -15.23 -8.51 1.66
CA ASN B 212 -13.88 -9.07 1.60
C ASN B 212 -13.89 -10.47 0.99
N THR B 213 -14.84 -11.30 1.41
CA THR B 213 -14.95 -12.65 0.84
C THR B 213 -15.30 -12.58 -0.64
N PHE B 214 -16.21 -11.68 -1.01
CA PHE B 214 -16.62 -11.59 -2.41
C PHE B 214 -15.48 -11.11 -3.29
N LEU B 215 -14.79 -10.04 -2.87
CA LEU B 215 -13.72 -9.50 -3.70
C LEU B 215 -12.60 -10.52 -3.90
N ALA B 216 -12.29 -11.30 -2.85
CA ALA B 216 -11.27 -12.34 -2.97
C ALA B 216 -11.64 -13.40 -4.00
N ALA B 217 -12.92 -13.57 -4.30
CA ALA B 217 -13.37 -14.58 -5.26
C ALA B 217 -13.78 -13.99 -6.61
N ASP B 218 -13.69 -12.68 -6.79
CA ASP B 218 -14.18 -11.99 -7.97
C ASP B 218 -13.17 -12.08 -9.12
N PRO B 219 -13.49 -12.79 -10.19
CA PRO B 219 -12.52 -12.95 -11.29
C PRO B 219 -12.35 -11.71 -12.15
N ARG B 220 -13.21 -10.70 -12.00
CA ARG B 220 -13.05 -9.48 -12.77
C ARG B 220 -11.86 -8.65 -12.31
N VAL B 221 -11.31 -8.91 -11.12
CA VAL B 221 -10.29 -8.06 -10.53
C VAL B 221 -9.19 -8.90 -9.87
N GLU B 222 -8.01 -8.29 -9.76
CA GLU B 222 -6.98 -8.70 -8.81
C GLU B 222 -7.07 -7.78 -7.61
N ILE B 223 -6.67 -8.28 -6.43
CA ILE B 223 -6.85 -7.51 -5.21
C ILE B 223 -5.59 -7.52 -4.36
N SER B 224 -5.50 -6.51 -3.50
CA SER B 224 -4.53 -6.48 -2.41
C SER B 224 -5.16 -5.72 -1.25
N GLN B 225 -5.40 -6.42 -0.14
CA GLN B 225 -5.87 -5.77 1.08
C GLN B 225 -4.66 -5.31 1.87
N VAL B 226 -4.59 -4.00 2.13
CA VAL B 226 -3.41 -3.37 2.70
C VAL B 226 -3.77 -2.84 4.08
N SER B 227 -3.05 -3.31 5.10
CA SER B 227 -3.34 -2.96 6.49
C SER B 227 -2.81 -1.57 6.84
N ILE B 228 -3.23 -0.60 6.04
CA ILE B 228 -2.90 0.81 6.25
C ILE B 228 -4.19 1.55 6.57
N GLY B 229 -4.11 2.55 7.44
CA GLY B 229 -5.29 3.25 7.91
C GLY B 229 -6.26 2.35 8.64
N ASP B 230 -7.44 2.13 8.06
CA ASP B 230 -8.41 1.18 8.56
C ASP B 230 -8.56 0.00 7.60
N GLY B 231 -7.52 -0.26 6.81
CA GLY B 231 -7.59 -1.26 5.76
C GLY B 231 -8.06 -0.65 4.45
N VAL B 232 -7.24 -0.78 3.41
CA VAL B 232 -7.61 -0.38 2.06
C VAL B 232 -7.45 -1.60 1.17
N THR B 233 -8.52 -1.95 0.44
CA THR B 233 -8.46 -3.02 -0.55
C THR B 233 -8.31 -2.38 -1.93
N ILE B 234 -7.16 -2.61 -2.56
CA ILE B 234 -6.90 -2.18 -3.92
C ILE B 234 -7.38 -3.27 -4.86
N CYS B 235 -8.21 -2.90 -5.83
CA CYS B 235 -8.67 -3.80 -6.88
C CYS B 235 -8.13 -3.30 -8.21
N ARG B 236 -7.76 -4.23 -9.08
CA ARG B 236 -7.31 -3.91 -10.43
C ARG B 236 -8.17 -4.67 -11.41
N ARG B 237 -8.83 -3.96 -12.34
CA ARG B 237 -9.77 -4.59 -13.25
C ARG B 237 -9.03 -5.41 -14.30
N LEU B 238 -9.42 -6.67 -14.45
CA LEU B 238 -8.77 -7.56 -15.40
C LEU B 238 -9.46 -7.60 -16.76
N TYR B 239 -10.78 -7.44 -16.80
CA TYR B 239 -11.52 -7.38 -18.06
C TYR B 239 -12.85 -6.66 -17.84
C1 GOL C . 21.28 -14.77 6.69
O1 GOL C . 22.17 -15.06 5.65
C2 GOL C . 19.89 -14.51 6.06
O2 GOL C . 18.90 -15.33 6.57
C3 GOL C . 19.59 -13.04 6.37
O3 GOL C . 18.21 -12.94 6.34
MG MG D . 12.25 -8.27 4.68
N SAH E . 13.11 -10.76 -0.14
CA SAH E . 13.20 -12.11 0.41
CB SAH E . 13.78 -12.12 1.82
CG SAH E . 15.14 -11.45 2.00
SD SAH E . 16.01 -12.10 3.46
C SAH E . 11.81 -12.77 0.41
O SAH E . 10.97 -12.47 -0.43
OXT SAH E . 11.52 -13.62 1.25
C5' SAH E . 17.55 -11.17 3.16
C4' SAH E . 18.51 -11.77 2.14
O4' SAH E . 19.55 -10.84 1.86
C3' SAH E . 19.20 -13.04 2.61
O3' SAH E . 18.93 -14.06 1.68
C2' SAH E . 20.68 -12.74 2.61
O2' SAH E . 21.42 -13.81 2.10
C1' SAH E . 20.76 -11.54 1.68
N9 SAH E . 21.92 -10.67 1.91
C8 SAH E . 22.54 -10.36 3.10
N7 SAH E . 23.56 -9.52 2.84
C5 SAH E . 23.61 -9.27 1.52
C6 SAH E . 24.45 -8.48 0.72
N6 SAH E . 25.45 -7.77 1.24
N1 SAH E . 24.24 -8.43 -0.64
C2 SAH E . 23.21 -9.16 -1.20
N3 SAH E . 22.39 -9.93 -0.42
C4 SAH E . 22.59 -9.99 0.92
C1 GOL F . -9.35 -15.95 -7.25
O1 GOL F . -9.42 -16.93 -6.26
C2 GOL F . -10.43 -16.30 -8.28
O2 GOL F . -11.18 -15.19 -8.62
C3 GOL F . -9.64 -16.86 -9.48
O3 GOL F . -9.15 -15.75 -10.17
C13 A1LU2 G . -16.41 6.39 8.26
C02 A1LU2 G . -21.93 4.92 10.92
C03 A1LU2 G . -21.76 5.71 12.05
C04 A1LU2 G . -20.63 5.60 12.81
C05 A1LU2 G . -20.95 4.00 10.56
C06 A1LU2 G . -19.81 3.88 11.35
C07 A1LU2 G . -19.66 4.67 12.48
C08 A1LU2 G . -18.41 4.59 13.36
C09 A1LU2 G . -17.18 5.14 12.63
C11 A1LU2 G . -17.67 6.20 10.45
C12 A1LU2 G . -16.37 6.15 9.62
C14 A1LU2 G . -15.23 6.35 7.53
C16 A1LU2 G . -14.04 6.04 8.16
C18 A1LU2 G . -14.01 5.79 9.51
C19 A1LU2 G . -15.18 5.84 10.23
N10 A1LU2 G . -17.47 6.38 11.88
O01 A1LU2 G . -23.10 5.08 10.17
O15 A1LU2 G . -15.23 6.59 6.14
O17 A1LU2 G . -12.86 5.98 7.44
MG MG H . -13.00 5.88 5.38
N SAH I . -12.91 10.24 2.12
CA SAH I . -13.15 11.21 3.18
CB SAH I . -13.98 10.60 4.31
CG SAH I . -15.37 10.09 3.90
SD SAH I . -16.49 10.02 5.33
C SAH I . -11.83 11.77 3.71
O SAH I . -10.88 11.95 2.95
OXT SAH I . -11.67 12.07 4.90
C5' SAH I . -17.84 9.29 4.36
C4' SAH I . -18.61 10.30 3.51
O4' SAH I . -19.52 9.64 2.66
C3' SAH I . -19.42 11.26 4.36
O3' SAH I . -19.00 12.57 4.05
C2' SAH I . -20.86 11.07 3.93
O2' SAH I . -21.50 12.32 3.83
C1' SAH I . -20.72 10.40 2.57
N9 SAH I . -21.86 9.54 2.20
C8 SAH I . -22.64 8.77 3.02
N7 SAH I . -23.57 8.14 2.24
C5 SAH I . -23.39 8.50 0.95
C6 SAH I . -24.05 8.17 -0.22
N6 SAH I . -25.09 7.33 -0.22
N1 SAH I . -23.63 8.72 -1.42
C2 SAH I . -22.55 9.59 -1.43
N3 SAH I . -21.91 9.92 -0.26
C4 SAH I . -22.32 9.39 0.91
#